data_1TAW
#
_entry.id   1TAW
#
_cell.length_a   94.050
_cell.length_b   49.850
_cell.length_c   68.800
_cell.angle_alpha   90.00
_cell.angle_beta   96.31
_cell.angle_gamma   90.00
#
_symmetry.space_group_name_H-M   'C 1 2 1'
#
loop_
_entity.id
_entity.type
_entity.pdbx_description
1 polymer TRYPSIN
2 polymer "PROTEASE INHIBITOR DOMAIN OF ALZHEIMER'S AMYLOID BETA-PROTEIN PRECURSOR"
3 non-polymer 'CALCIUM ION'
4 water water
#
loop_
_entity_poly.entity_id
_entity_poly.type
_entity_poly.pdbx_seq_one_letter_code
_entity_poly.pdbx_strand_id
1 'polypeptide(L)'
;IVGGYTCGANTVPYQVSLNSGYHFCGGSLINSQWVVSAAHCYKSGIQVRLGEDNINVVEGNEQFISASKSIVHPSYNSNT
LNNDIMLIKLKSAASLNSRVASISLPTSCASAGTQCLISGWGNTKSSGTSYPDVLKCLKAPILSTSSCKSAYPGQITSNM
FCAGYLEGGKDSCQGDSGGPVVCSGKLQGIVSWGSGCAQKNKPGVYTKVCNYVSWIKQTIASN
;
A
2 'polypeptide(L)' VREVCSEQAETGPCRAMISRWYFDVTEGKCAPFFYGGCGGNRNNFDTEEYCMAVCGSA B
#
loop_
_chem_comp.id
_chem_comp.type
_chem_comp.name
_chem_comp.formula
CA non-polymer 'CALCIUM ION' 'Ca 2'
#
# COMPACT_ATOMS: atom_id res chain seq x y z
N ILE A 1 -2.36 8.91 4.32
CA ILE A 1 -1.90 9.02 5.72
C ILE A 1 -2.84 10.01 6.40
N VAL A 2 -3.51 9.56 7.46
CA VAL A 2 -4.44 10.39 8.23
C VAL A 2 -3.70 10.85 9.49
N GLY A 3 -3.71 12.16 9.72
CA GLY A 3 -3.06 12.70 10.90
C GLY A 3 -1.54 12.83 10.81
N GLY A 4 -1.01 12.74 9.59
CA GLY A 4 0.42 12.84 9.41
C GLY A 4 0.88 14.26 9.14
N TYR A 5 2.02 14.40 8.50
CA TYR A 5 2.57 15.72 8.16
C TYR A 5 3.34 15.62 6.85
N THR A 6 3.55 16.75 6.21
CA THR A 6 4.29 16.78 4.96
C THR A 6 5.74 16.36 5.25
N CYS A 7 6.19 15.27 4.63
CA CYS A 7 7.54 14.78 4.85
C CYS A 7 8.60 15.79 4.48
N GLY A 8 8.44 16.35 3.30
CA GLY A 8 9.42 17.28 2.76
C GLY A 8 9.95 16.62 1.51
N ALA A 9 10.12 17.39 0.45
CA ALA A 9 10.59 16.85 -0.81
C ALA A 9 11.85 16.02 -0.69
N ASN A 10 11.73 14.77 -1.09
CA ASN A 10 12.84 13.83 -1.11
C ASN A 10 13.49 13.45 0.21
N THR A 11 12.77 13.54 1.31
CA THR A 11 13.30 13.16 2.62
C THR A 11 13.11 11.66 2.89
N VAL A 12 12.34 10.99 2.04
CA VAL A 12 12.08 9.56 2.16
C VAL A 12 12.43 9.05 0.74
N PRO A 13 13.72 9.09 0.38
CA PRO A 13 14.22 8.67 -0.93
C PRO A 13 13.97 7.25 -1.44
N TYR A 14 13.57 6.34 -0.55
CA TYR A 14 13.30 4.95 -0.94
C TYR A 14 11.82 4.73 -1.28
N GLN A 15 10.99 5.75 -1.01
CA GLN A 15 9.56 5.67 -1.29
C GLN A 15 9.29 5.79 -2.80
N VAL A 16 8.53 4.85 -3.34
CA VAL A 16 8.18 4.88 -4.76
C VAL A 16 6.66 4.91 -4.94
N SER A 17 6.23 5.37 -6.10
CA SER A 17 4.82 5.42 -6.42
C SER A 17 4.59 4.40 -7.55
N LEU A 18 3.59 3.54 -7.39
CA LEU A 18 3.24 2.57 -8.43
C LEU A 18 2.14 3.27 -9.26
N ASN A 19 2.34 3.32 -10.56
CA ASN A 19 1.42 4.03 -11.46
C ASN A 19 0.95 3.22 -12.67
N SER A 20 -0.34 3.33 -12.95
CA SER A 20 -0.91 2.67 -14.12
C SER A 20 -1.88 3.71 -14.70
N GLY A 21 -1.33 4.90 -14.94
CA GLY A 21 -2.13 6.01 -15.45
C GLY A 21 -2.43 6.96 -14.32
N TYR A 22 -2.36 6.45 -13.10
CA TYR A 22 -2.62 7.22 -11.89
C TYR A 22 -1.93 6.41 -10.79
N HIS A 23 -1.62 7.06 -9.68
CA HIS A 23 -0.97 6.41 -8.57
C HIS A 23 -1.98 5.49 -7.89
N PHE A 24 -1.65 4.20 -7.73
CA PHE A 24 -2.58 3.28 -7.08
C PHE A 24 -2.06 2.63 -5.79
N CYS A 25 -0.73 2.57 -5.65
CA CYS A 25 -0.09 1.94 -4.50
C CYS A 25 1.30 2.50 -4.35
N GLY A 26 1.88 2.32 -3.18
CA GLY A 26 3.23 2.77 -2.93
C GLY A 26 4.15 1.55 -2.94
N GLY A 27 5.41 1.77 -2.58
CA GLY A 27 6.38 0.68 -2.54
C GLY A 27 7.69 1.20 -2.02
N SER A 28 8.67 0.33 -1.84
CA SER A 28 9.99 0.72 -1.32
C SER A 28 11.08 0.16 -2.22
N LEU A 29 12.07 0.98 -2.51
CA LEU A 29 13.19 0.57 -3.34
C LEU A 29 14.19 -0.17 -2.43
N ILE A 30 14.44 -1.46 -2.69
CA ILE A 30 15.38 -2.22 -1.86
C ILE A 30 16.78 -2.27 -2.46
N ASN A 31 16.89 -1.95 -3.74
CA ASN A 31 18.16 -1.87 -4.44
C ASN A 31 17.85 -1.22 -5.79
N SER A 32 18.87 -0.88 -6.56
CA SER A 32 18.67 -0.20 -7.84
C SER A 32 17.75 -0.85 -8.86
N GLN A 33 17.31 -2.08 -8.61
CA GLN A 33 16.44 -2.73 -9.58
C GLN A 33 15.25 -3.47 -9.01
N TRP A 34 15.09 -3.43 -7.68
CA TRP A 34 13.98 -4.14 -7.06
C TRP A 34 13.18 -3.27 -6.11
N VAL A 35 11.88 -3.43 -6.18
CA VAL A 35 10.94 -2.70 -5.36
C VAL A 35 10.08 -3.73 -4.62
N VAL A 36 9.81 -3.46 -3.34
CA VAL A 36 8.98 -4.31 -2.50
C VAL A 36 7.65 -3.57 -2.37
N SER A 37 6.53 -4.28 -2.47
CA SER A 37 5.21 -3.69 -2.35
C SER A 37 4.28 -4.76 -1.76
N ALA A 38 2.98 -4.49 -1.74
CA ALA A 38 1.99 -5.44 -1.22
C ALA A 38 1.45 -6.32 -2.35
N ALA A 39 1.10 -7.57 -2.05
CA ALA A 39 0.58 -8.50 -3.06
C ALA A 39 -0.73 -8.03 -3.68
N HIS A 40 -1.62 -7.45 -2.87
CA HIS A 40 -2.88 -6.98 -3.40
C HIS A 40 -2.75 -5.76 -4.33
N CYS A 41 -1.53 -5.24 -4.49
CA CYS A 41 -1.30 -4.11 -5.38
C CYS A 41 -0.91 -4.62 -6.77
N TYR A 42 -0.85 -5.94 -6.92
CA TYR A 42 -0.46 -6.56 -8.17
C TYR A 42 -1.27 -6.07 -9.35
N LYS A 43 -0.56 -5.75 -10.43
CA LYS A 43 -1.18 -5.29 -11.66
C LYS A 43 -0.25 -5.54 -12.83
N SER A 44 -0.83 -5.55 -14.02
CA SER A 44 -0.09 -5.75 -15.25
C SER A 44 0.28 -4.35 -15.76
N GLY A 45 1.48 -4.23 -16.33
CA GLY A 45 1.91 -2.94 -16.86
C GLY A 45 2.00 -1.82 -15.83
N ILE A 46 2.91 -1.99 -14.89
CA ILE A 46 3.12 -1.00 -13.83
C ILE A 46 4.31 -0.10 -14.18
N GLN A 47 4.15 1.20 -13.96
CA GLN A 47 5.24 2.13 -14.16
C GLN A 47 5.65 2.55 -12.74
N VAL A 48 6.91 2.38 -12.42
CA VAL A 48 7.41 2.74 -11.11
C VAL A 48 7.96 4.16 -11.19
N ARG A 49 7.55 5.00 -10.25
CA ARG A 49 8.01 6.38 -10.22
C ARG A 49 8.88 6.64 -8.96
N LEU A 50 10.13 7.01 -9.20
CA LEU A 50 11.11 7.27 -8.15
C LEU A 50 11.49 8.74 -8.10
N GLY A 51 11.95 9.20 -6.93
CA GLY A 51 12.36 10.60 -6.74
C GLY A 51 11.18 11.55 -6.77
N GLU A 52 10.03 10.98 -6.48
CA GLU A 52 8.74 11.66 -6.50
C GLU A 52 8.35 12.36 -5.19
N ASP A 53 7.69 13.52 -5.32
CA ASP A 53 7.17 14.25 -4.16
C ASP A 53 5.71 14.63 -4.47
N ASN A 54 5.52 15.50 -5.48
CA ASN A 54 4.17 15.88 -5.90
C ASN A 54 3.84 14.91 -7.03
N ILE A 55 2.95 13.97 -6.77
CA ILE A 55 2.60 12.99 -7.77
C ILE A 55 1.79 13.55 -8.93
N ASN A 56 1.30 14.77 -8.79
CA ASN A 56 0.49 15.40 -9.81
C ASN A 56 1.23 16.34 -10.75
N VAL A 57 2.45 16.70 -10.39
CA VAL A 57 3.25 17.60 -11.21
C VAL A 57 4.58 16.93 -11.53
N VAL A 58 4.93 16.81 -12.80
CA VAL A 58 6.22 16.22 -13.16
C VAL A 58 7.23 17.37 -13.10
N GLU A 59 8.14 17.28 -12.13
CA GLU A 59 9.14 18.31 -11.94
C GLU A 59 10.39 18.09 -12.78
N GLY A 60 10.48 16.93 -13.42
CA GLY A 60 11.63 16.65 -14.26
C GLY A 60 12.82 16.05 -13.54
N ASN A 61 12.73 15.89 -12.22
CA ASN A 61 13.82 15.29 -11.43
C ASN A 61 13.48 13.87 -10.95
N GLU A 62 12.39 13.32 -11.47
CA GLU A 62 11.94 11.98 -11.12
C GLU A 62 12.49 10.97 -12.10
N GLN A 63 12.26 9.69 -11.84
CA GLN A 63 12.69 8.64 -12.76
C GLN A 63 11.50 7.72 -12.92
N PHE A 64 11.02 7.59 -14.15
CA PHE A 64 9.88 6.74 -14.48
C PHE A 64 10.42 5.50 -15.19
N ILE A 65 10.31 4.34 -14.54
CA ILE A 65 10.81 3.07 -15.11
C ILE A 65 9.71 2.01 -15.07
N SER A 66 9.55 1.28 -16.17
CA SER A 66 8.53 0.23 -16.22
C SER A 66 8.96 -1.04 -15.52
N ALA A 67 7.98 -1.72 -14.94
CA ALA A 67 8.24 -2.95 -14.26
C ALA A 67 8.42 -4.05 -15.32
N SER A 68 9.45 -4.88 -15.19
CA SER A 68 9.64 -5.97 -16.12
C SER A 68 8.90 -7.20 -15.59
N LYS A 69 8.92 -7.38 -14.27
CA LYS A 69 8.21 -8.52 -13.67
C LYS A 69 7.78 -8.28 -12.23
N SER A 70 6.56 -8.72 -11.90
CA SER A 70 6.02 -8.58 -10.55
C SER A 70 5.80 -9.97 -9.95
N ILE A 71 6.62 -10.32 -8.97
CA ILE A 71 6.54 -11.63 -8.33
C ILE A 71 5.80 -11.57 -7.00
N VAL A 72 4.57 -12.07 -6.99
CA VAL A 72 3.74 -12.09 -5.78
C VAL A 72 4.23 -13.27 -4.91
N HIS A 73 4.07 -13.17 -3.59
CA HIS A 73 4.48 -14.26 -2.72
C HIS A 73 3.61 -15.48 -3.00
N PRO A 74 4.23 -16.64 -3.29
CA PRO A 74 3.52 -17.89 -3.60
C PRO A 74 2.42 -18.35 -2.63
N SER A 75 2.44 -17.85 -1.41
CA SER A 75 1.43 -18.24 -0.43
C SER A 75 0.51 -17.09 -0.06
N TYR A 76 0.43 -16.07 -0.91
CA TYR A 76 -0.47 -14.95 -0.66
C TYR A 76 -1.91 -15.48 -0.67
N ASN A 77 -2.68 -15.16 0.36
CA ASN A 77 -4.06 -15.59 0.41
C ASN A 77 -4.93 -14.35 0.39
N SER A 78 -5.62 -14.13 -0.72
CA SER A 78 -6.47 -12.96 -0.88
C SER A 78 -7.60 -12.85 0.11
N ASN A 79 -7.93 -13.97 0.76
CA ASN A 79 -9.02 -14.00 1.71
C ASN A 79 -8.52 -13.64 3.10
N THR A 80 -7.33 -14.12 3.45
CA THR A 80 -6.77 -13.86 4.76
C THR A 80 -5.81 -12.68 4.79
N LEU A 81 -5.26 -12.35 3.63
CA LEU A 81 -4.28 -11.27 3.48
C LEU A 81 -2.91 -11.69 4.04
N ASN A 82 -2.75 -12.99 4.26
CA ASN A 82 -1.51 -13.53 4.77
C ASN A 82 -0.50 -13.58 3.64
N ASN A 83 0.75 -13.20 3.92
CA ASN A 83 1.82 -13.18 2.93
C ASN A 83 1.55 -12.14 1.86
N ASP A 84 1.05 -10.99 2.32
CA ASP A 84 0.72 -9.89 1.45
C ASP A 84 2.00 -9.14 1.10
N ILE A 85 2.80 -9.73 0.21
CA ILE A 85 4.07 -9.16 -0.20
C ILE A 85 4.32 -9.52 -1.66
N MET A 86 4.91 -8.57 -2.39
CA MET A 86 5.21 -8.74 -3.81
C MET A 86 6.51 -8.04 -4.14
N LEU A 87 7.26 -8.60 -5.07
CA LEU A 87 8.52 -8.01 -5.50
C LEU A 87 8.36 -7.57 -6.93
N ILE A 88 8.87 -6.40 -7.27
CA ILE A 88 8.77 -5.89 -8.63
C ILE A 88 10.17 -5.61 -9.18
N LYS A 89 10.47 -6.16 -10.34
CA LYS A 89 11.76 -5.94 -10.97
C LYS A 89 11.60 -4.83 -12.00
N LEU A 90 12.51 -3.85 -11.96
CA LEU A 90 12.48 -2.73 -12.90
C LEU A 90 13.14 -3.14 -14.21
N LYS A 91 12.61 -2.63 -15.33
CA LYS A 91 13.19 -2.97 -16.63
C LYS A 91 14.64 -2.55 -16.69
N SER A 92 14.95 -1.44 -16.05
CA SER A 92 16.30 -0.95 -16.01
C SER A 92 16.55 -0.48 -14.58
N ALA A 93 17.82 -0.47 -14.20
CA ALA A 93 18.19 -0.06 -12.86
C ALA A 93 18.04 1.45 -12.65
N ALA A 94 17.51 1.80 -11.49
CA ALA A 94 17.33 3.19 -11.12
C ALA A 94 18.70 3.81 -10.91
N SER A 95 18.77 5.11 -11.16
CA SER A 95 19.99 5.85 -10.94
C SER A 95 19.88 6.35 -9.51
N LEU A 96 20.66 5.79 -8.61
CA LEU A 96 20.62 6.19 -7.21
C LEU A 96 21.32 7.53 -7.01
N ASN A 97 20.65 8.45 -6.35
CA ASN A 97 21.20 9.77 -6.12
C ASN A 97 20.64 10.37 -4.82
N SER A 98 20.72 11.68 -4.68
CA SER A 98 20.22 12.35 -3.48
C SER A 98 18.71 12.21 -3.30
N ARG A 99 18.01 11.94 -4.40
CA ARG A 99 16.55 11.80 -4.39
C ARG A 99 16.08 10.35 -4.46
N VAL A 100 16.93 9.47 -4.95
CA VAL A 100 16.61 8.05 -5.10
C VAL A 100 17.62 7.19 -4.33
N ALA A 101 17.14 6.49 -3.31
CA ALA A 101 18.02 5.65 -2.49
C ALA A 101 17.29 4.41 -2.05
N SER A 102 18.04 3.36 -1.74
CA SER A 102 17.41 2.13 -1.28
C SER A 102 17.30 2.12 0.23
N ILE A 103 16.41 1.27 0.74
CA ILE A 103 16.23 1.14 2.18
C ILE A 103 16.70 -0.26 2.55
N SER A 104 17.33 -0.36 3.71
CA SER A 104 17.85 -1.65 4.19
C SER A 104 16.79 -2.60 4.70
N LEU A 105 17.00 -3.88 4.40
CA LEU A 105 16.10 -4.93 4.85
C LEU A 105 16.57 -5.25 6.26
N PRO A 106 15.66 -5.72 7.13
CA PRO A 106 16.02 -6.06 8.50
C PRO A 106 16.71 -7.42 8.68
N THR A 107 17.49 -7.54 9.74
CA THR A 107 18.14 -8.81 10.08
C THR A 107 17.42 -9.32 11.35
N SER A 108 16.90 -8.38 12.12
CA SER A 108 16.16 -8.65 13.34
C SER A 108 14.80 -7.98 13.20
N CYS A 109 13.79 -8.52 13.85
CA CYS A 109 12.48 -7.91 13.80
C CYS A 109 12.50 -6.76 14.80
N ALA A 110 11.47 -5.94 14.77
CA ALA A 110 11.38 -4.83 15.70
C ALA A 110 10.42 -5.26 16.80
N SER A 111 10.62 -4.73 18.00
CA SER A 111 9.76 -5.06 19.12
C SER A 111 8.63 -4.06 19.29
N ALA A 112 7.64 -4.44 20.09
CA ALA A 112 6.51 -3.58 20.37
C ALA A 112 7.04 -2.32 21.04
N GLY A 113 6.45 -1.19 20.69
CA GLY A 113 6.86 0.09 21.25
C GLY A 113 7.83 0.85 20.36
N THR A 114 8.44 0.17 19.40
CA THR A 114 9.37 0.84 18.50
C THR A 114 8.61 1.87 17.68
N GLN A 115 9.21 3.04 17.52
CA GLN A 115 8.62 4.12 16.74
C GLN A 115 9.11 3.94 15.30
N CYS A 116 8.19 3.94 14.34
CA CYS A 116 8.55 3.76 12.94
C CYS A 116 7.99 4.90 12.10
N LEU A 117 8.55 5.09 10.91
CA LEU A 117 8.07 6.13 9.98
C LEU A 117 7.31 5.46 8.84
N ILE A 118 6.07 5.89 8.65
CA ILE A 118 5.19 5.36 7.61
C ILE A 118 4.93 6.51 6.65
N SER A 119 4.93 6.22 5.36
CA SER A 119 4.71 7.26 4.36
C SER A 119 3.85 6.81 3.16
N GLY A 120 3.23 7.78 2.49
CA GLY A 120 2.41 7.48 1.33
C GLY A 120 1.62 8.69 0.85
N TRP A 121 0.92 8.52 -0.27
CA TRP A 121 0.09 9.56 -0.88
C TRP A 121 -1.40 9.21 -0.78
N GLY A 122 -1.75 8.42 0.23
CA GLY A 122 -3.13 8.00 0.42
C GLY A 122 -4.04 9.04 1.02
N ASN A 123 -5.31 8.68 1.15
CA ASN A 123 -6.34 9.57 1.70
C ASN A 123 -5.90 10.13 3.06
N THR A 124 -6.15 11.43 3.26
CA THR A 124 -5.80 12.11 4.50
C THR A 124 -7.00 12.29 5.44
N LYS A 125 -8.17 11.82 5.04
CA LYS A 125 -9.36 11.94 5.87
C LYS A 125 -9.76 10.55 6.31
N SER A 126 -10.13 10.41 7.58
CA SER A 126 -10.58 9.14 8.13
C SER A 126 -12.08 9.04 7.83
N SER A 127 -12.62 10.18 7.42
CA SER A 127 -14.02 10.35 7.07
C SER A 127 -14.02 11.14 5.76
N GLY A 128 -14.58 10.54 4.71
CA GLY A 128 -14.60 11.23 3.44
C GLY A 128 -13.28 11.01 2.71
N THR A 129 -13.00 11.83 1.71
CA THR A 129 -11.77 11.70 0.95
C THR A 129 -11.04 13.02 0.71
N SER A 130 -9.72 12.93 0.64
CA SER A 130 -8.87 14.09 0.41
C SER A 130 -7.50 13.49 0.13
N TYR A 131 -7.15 13.43 -1.14
CA TYR A 131 -5.86 12.88 -1.52
C TYR A 131 -4.85 14.01 -1.70
N PRO A 132 -3.66 13.88 -1.07
CA PRO A 132 -2.61 14.89 -1.17
C PRO A 132 -1.79 14.88 -2.48
N ASP A 133 -1.12 15.99 -2.76
CA ASP A 133 -0.28 16.10 -3.94
C ASP A 133 1.10 15.59 -3.54
N VAL A 134 1.54 16.02 -2.36
CA VAL A 134 2.84 15.67 -1.81
C VAL A 134 2.82 14.55 -0.78
N LEU A 135 3.98 13.93 -0.63
CA LEU A 135 4.17 12.80 0.28
C LEU A 135 3.97 13.15 1.75
N LYS A 136 3.13 12.36 2.43
CA LYS A 136 2.83 12.57 3.84
C LYS A 136 3.56 11.52 4.66
N CYS A 137 3.88 11.88 5.90
CA CYS A 137 4.59 11.01 6.81
C CYS A 137 3.83 10.90 8.11
N LEU A 138 4.07 9.82 8.85
CA LEU A 138 3.44 9.58 10.13
C LEU A 138 4.37 8.76 11.02
N LYS A 139 4.55 9.20 12.26
CA LYS A 139 5.37 8.45 13.20
C LYS A 139 4.39 7.64 14.02
N ALA A 140 4.60 6.33 14.09
CA ALA A 140 3.72 5.47 14.85
C ALA A 140 4.47 4.30 15.45
N PRO A 141 4.11 3.88 16.67
CA PRO A 141 4.79 2.75 17.30
C PRO A 141 4.13 1.42 16.94
N ILE A 142 4.92 0.36 17.01
CA ILE A 142 4.45 -1.00 16.76
C ILE A 142 3.66 -1.44 18.01
N LEU A 143 2.47 -1.99 17.83
CA LEU A 143 1.64 -2.42 18.97
C LEU A 143 1.98 -3.84 19.39
N SER A 144 1.60 -4.21 20.61
CA SER A 144 1.87 -5.55 21.10
C SER A 144 0.92 -6.50 20.39
N THR A 145 1.37 -7.73 20.15
CA THR A 145 0.54 -8.72 19.47
C THR A 145 -0.81 -8.91 20.14
N SER A 146 -0.87 -8.82 21.47
CA SER A 146 -2.14 -9.01 22.16
C SER A 146 -3.09 -7.87 21.81
N SER A 147 -2.59 -6.63 21.78
CA SER A 147 -3.40 -5.48 21.42
C SER A 147 -3.93 -5.67 20.00
N CYS A 148 -3.04 -6.11 19.11
CA CYS A 148 -3.38 -6.33 17.73
C CYS A 148 -4.47 -7.40 17.61
N LYS A 149 -4.23 -8.58 18.19
CA LYS A 149 -5.18 -9.68 18.16
C LYS A 149 -6.54 -9.27 18.71
N SER A 150 -6.57 -8.50 19.78
CA SER A 150 -7.84 -8.09 20.35
C SER A 150 -8.59 -7.10 19.45
N ALA A 151 -7.85 -6.27 18.73
CA ALA A 151 -8.48 -5.30 17.83
C ALA A 151 -9.03 -6.01 16.60
N TYR A 152 -8.42 -7.13 16.22
CA TYR A 152 -8.85 -7.89 15.06
C TYR A 152 -8.91 -9.39 15.35
N PRO A 153 -9.84 -9.81 16.21
CA PRO A 153 -10.02 -11.21 16.60
C PRO A 153 -10.10 -12.17 15.43
N GLY A 154 -9.21 -13.14 15.43
CA GLY A 154 -9.17 -14.14 14.38
C GLY A 154 -8.55 -13.73 13.06
N GLN A 155 -8.17 -12.45 12.94
CA GLN A 155 -7.62 -11.94 11.68
C GLN A 155 -6.10 -11.79 11.57
N ILE A 156 -5.40 -11.72 12.70
CA ILE A 156 -3.96 -11.54 12.70
C ILE A 156 -3.12 -12.84 12.65
N THR A 157 -2.24 -12.94 11.66
CA THR A 157 -1.38 -14.10 11.56
C THR A 157 0.00 -13.71 12.07
N SER A 158 0.92 -14.66 12.08
CA SER A 158 2.29 -14.43 12.56
C SER A 158 3.10 -13.57 11.61
N ASN A 159 2.52 -13.28 10.45
CA ASN A 159 3.18 -12.48 9.44
C ASN A 159 2.62 -11.08 9.37
N MET A 160 1.93 -10.68 10.43
CA MET A 160 1.32 -9.36 10.49
C MET A 160 1.61 -8.73 11.82
N PHE A 161 1.66 -7.40 11.83
CA PHE A 161 1.82 -6.64 13.05
C PHE A 161 0.95 -5.39 12.94
N CYS A 162 0.53 -4.87 14.08
CA CYS A 162 -0.30 -3.66 14.11
C CYS A 162 0.61 -2.52 14.52
N ALA A 163 0.36 -1.33 13.98
CA ALA A 163 1.14 -0.15 14.31
C ALA A 163 0.19 1.03 14.27
N GLY A 164 0.40 1.99 15.15
CA GLY A 164 -0.46 3.15 15.19
C GLY A 164 -0.96 3.47 16.58
N TYR A 165 -2.19 4.00 16.65
CA TYR A 165 -2.79 4.40 17.92
C TYR A 165 -4.20 3.87 18.10
N LEU A 166 -4.45 3.21 19.23
CA LEU A 166 -5.77 2.66 19.50
C LEU A 166 -6.81 3.72 19.74
N GLU A 167 -6.37 4.94 20.02
CA GLU A 167 -7.29 6.05 20.24
C GLU A 167 -7.77 6.56 18.89
N GLY A 168 -7.05 6.17 17.83
CA GLY A 168 -7.41 6.59 16.49
C GLY A 168 -6.88 7.98 16.20
N GLY A 169 -7.26 8.54 15.06
CA GLY A 169 -6.80 9.88 14.69
C GLY A 169 -5.58 9.90 13.80
N LYS A 170 -4.75 8.87 13.87
CA LYS A 170 -3.53 8.77 13.06
C LYS A 170 -3.43 7.35 12.51
N ASP A 171 -3.31 7.21 11.19
CA ASP A 171 -3.24 5.88 10.57
C ASP A 171 -2.87 6.03 9.11
N SER A 172 -2.56 4.93 8.45
CA SER A 172 -2.30 4.95 7.02
C SER A 172 -3.72 4.79 6.43
N CYS A 173 -3.88 4.91 5.12
CA CYS A 173 -5.22 4.82 4.55
C CYS A 173 -5.17 4.42 3.07
N GLN A 174 -6.33 4.36 2.41
CA GLN A 174 -6.40 3.97 0.99
C GLN A 174 -5.46 4.83 0.16
N GLY A 175 -4.59 4.17 -0.59
CA GLY A 175 -3.62 4.89 -1.41
C GLY A 175 -2.22 4.70 -0.85
N ASP A 176 -2.14 4.18 0.38
CA ASP A 176 -0.85 3.95 1.06
C ASP A 176 -0.30 2.55 0.92
N SER A 177 -1.16 1.60 0.57
CA SER A 177 -0.79 0.19 0.40
C SER A 177 0.53 -0.02 -0.32
N GLY A 178 1.32 -0.96 0.19
CA GLY A 178 2.60 -1.27 -0.41
C GLY A 178 3.73 -0.39 0.11
N GLY A 179 3.37 0.72 0.75
CA GLY A 179 4.35 1.64 1.28
C GLY A 179 5.19 1.13 2.43
N PRO A 180 6.30 1.81 2.73
CA PRO A 180 7.24 1.46 3.80
C PRO A 180 6.88 1.84 5.23
N VAL A 181 7.27 0.95 6.14
CA VAL A 181 7.14 1.19 7.56
C VAL A 181 8.61 0.96 7.93
N VAL A 182 9.33 2.05 8.14
CA VAL A 182 10.75 1.97 8.45
C VAL A 182 11.03 2.29 9.92
N CYS A 183 11.74 1.40 10.60
CA CYS A 183 12.07 1.63 11.99
C CYS A 183 13.57 1.53 12.09
N SER A 184 14.19 2.56 12.66
CA SER A 184 15.65 2.64 12.84
C SER A 184 16.44 2.34 11.56
N GLY A 185 16.03 2.95 10.46
CA GLY A 185 16.72 2.78 9.19
C GLY A 185 16.54 1.42 8.54
N LYS A 186 15.57 0.65 9.03
CA LYS A 186 15.31 -0.68 8.48
C LYS A 186 13.87 -0.77 8.02
N LEU A 187 13.62 -1.52 6.94
CA LEU A 187 12.27 -1.72 6.44
C LEU A 187 11.62 -2.87 7.24
N GLN A 188 10.68 -2.54 8.13
CA GLN A 188 10.03 -3.58 8.96
C GLN A 188 8.59 -3.90 8.55
N GLY A 189 7.96 -3.02 7.78
CA GLY A 189 6.60 -3.29 7.38
C GLY A 189 6.20 -2.75 6.02
N ILE A 190 5.06 -3.24 5.55
CA ILE A 190 4.45 -2.85 4.27
C ILE A 190 2.97 -2.54 4.60
N VAL A 191 2.48 -1.38 4.18
CA VAL A 191 1.08 -1.02 4.44
C VAL A 191 0.20 -2.08 3.79
N SER A 192 -0.80 -2.58 4.51
CA SER A 192 -1.66 -3.62 3.98
C SER A 192 -3.15 -3.35 4.11
N TRP A 193 -3.69 -3.43 5.33
CA TRP A 193 -5.12 -3.24 5.53
C TRP A 193 -5.51 -2.73 6.92
N GLY A 194 -6.80 -2.60 7.14
CA GLY A 194 -7.33 -2.16 8.41
C GLY A 194 -8.82 -1.91 8.26
N SER A 195 -9.53 -1.75 9.38
CA SER A 195 -10.96 -1.45 9.32
C SER A 195 -11.10 0.07 9.24
N GLY A 196 -11.42 0.55 8.05
CA GLY A 196 -11.53 1.98 7.87
C GLY A 196 -10.15 2.57 7.97
N CYS A 197 -10.05 3.78 8.48
CA CYS A 197 -8.77 4.44 8.64
C CYS A 197 -8.88 5.35 9.84
N ALA A 198 -7.84 5.34 10.67
CA ALA A 198 -7.79 6.18 11.85
C ALA A 198 -8.97 6.02 12.81
N GLN A 199 -9.58 4.83 12.80
CA GLN A 199 -10.72 4.53 13.66
C GLN A 199 -10.22 4.05 15.01
N LYS A 200 -10.88 4.50 16.07
CA LYS A 200 -10.51 4.12 17.43
C LYS A 200 -10.58 2.59 17.57
N ASN A 201 -9.51 2.02 18.10
CA ASN A 201 -9.38 0.59 18.30
C ASN A 201 -9.28 -0.25 17.04
N LYS A 202 -9.01 0.40 15.93
CA LYS A 202 -8.83 -0.27 14.64
C LYS A 202 -7.55 0.30 14.01
N PRO A 203 -6.38 -0.10 14.55
CA PRO A 203 -5.11 0.39 14.03
C PRO A 203 -4.76 -0.27 12.70
N GLY A 204 -3.70 0.20 12.06
CA GLY A 204 -3.30 -0.38 10.78
C GLY A 204 -2.60 -1.71 10.95
N VAL A 205 -2.77 -2.59 9.97
CA VAL A 205 -2.14 -3.90 9.99
C VAL A 205 -1.12 -3.90 8.84
N TYR A 206 0.09 -4.32 9.16
CA TYR A 206 1.21 -4.32 8.22
C TYR A 206 1.84 -5.69 8.06
N THR A 207 2.43 -5.91 6.90
CA THR A 207 3.12 -7.17 6.62
C THR A 207 4.46 -7.18 7.37
N LYS A 208 4.70 -8.24 8.12
CA LYS A 208 5.91 -8.39 8.92
C LYS A 208 7.07 -8.80 8.01
N VAL A 209 7.79 -7.81 7.50
CA VAL A 209 8.90 -8.00 6.59
C VAL A 209 10.06 -8.87 7.06
N CYS A 210 10.42 -8.79 8.34
CA CYS A 210 11.53 -9.59 8.84
C CYS A 210 11.35 -11.10 8.60
N ASN A 211 10.10 -11.55 8.45
CA ASN A 211 9.79 -12.96 8.20
C ASN A 211 10.03 -13.35 6.75
N TYR A 212 10.22 -12.38 5.87
CA TYR A 212 10.38 -12.67 4.45
C TYR A 212 11.73 -12.36 3.82
N VAL A 213 12.71 -11.96 4.63
CA VAL A 213 14.00 -11.60 4.07
C VAL A 213 14.69 -12.66 3.23
N SER A 214 14.55 -13.93 3.62
CA SER A 214 15.16 -15.02 2.87
C SER A 214 14.48 -15.13 1.52
N TRP A 215 13.15 -15.18 1.53
CA TRP A 215 12.40 -15.28 0.28
C TRP A 215 12.82 -14.14 -0.63
N ILE A 216 12.89 -12.93 -0.09
CA ILE A 216 13.26 -11.77 -0.87
C ILE A 216 14.64 -11.97 -1.51
N LYS A 217 15.59 -12.43 -0.72
CA LYS A 217 16.93 -12.65 -1.22
C LYS A 217 16.98 -13.78 -2.27
N GLN A 218 16.25 -14.85 -2.00
CA GLN A 218 16.22 -15.99 -2.92
C GLN A 218 15.62 -15.57 -4.26
N THR A 219 14.52 -14.84 -4.20
CA THR A 219 13.83 -14.37 -5.39
C THR A 219 14.66 -13.38 -6.20
N ILE A 220 15.28 -12.43 -5.52
CA ILE A 220 16.09 -11.44 -6.22
C ILE A 220 17.25 -12.13 -6.93
N ALA A 221 17.92 -13.04 -6.23
CA ALA A 221 19.05 -13.76 -6.79
C ALA A 221 18.66 -14.70 -7.93
N SER A 222 17.43 -15.21 -7.90
CA SER A 222 16.97 -16.13 -8.92
C SER A 222 16.18 -15.49 -10.06
N ASN A 223 16.14 -14.16 -10.10
CA ASN A 223 15.40 -13.46 -11.15
C ASN A 223 16.13 -12.23 -11.68
N GLU B 3 -29.33 -8.64 -6.17
CA GLU B 3 -28.47 -8.82 -7.38
C GLU B 3 -27.13 -8.14 -7.05
N VAL B 4 -26.08 -8.42 -7.83
CA VAL B 4 -24.78 -7.79 -7.60
C VAL B 4 -24.83 -6.30 -7.89
N CYS B 5 -25.65 -5.94 -8.87
CA CYS B 5 -25.80 -4.57 -9.33
C CYS B 5 -26.51 -3.60 -8.40
N SER B 6 -27.08 -4.12 -7.30
CA SER B 6 -27.78 -3.26 -6.34
C SER B 6 -26.96 -2.97 -5.07
N GLU B 7 -25.85 -3.68 -4.90
CA GLU B 7 -24.98 -3.48 -3.75
C GLU B 7 -24.23 -2.16 -3.88
N GLN B 8 -23.99 -1.48 -2.77
CA GLN B 8 -23.26 -0.22 -2.79
C GLN B 8 -21.78 -0.50 -3.10
N ALA B 9 -21.07 0.49 -3.64
CA ALA B 9 -19.65 0.34 -3.97
C ALA B 9 -18.87 0.21 -2.65
N GLU B 10 -18.09 -0.86 -2.56
CA GLU B 10 -17.31 -1.15 -1.36
C GLU B 10 -15.82 -1.12 -1.61
N THR B 11 -15.13 -0.31 -0.82
CA THR B 11 -13.69 -0.15 -0.90
C THR B 11 -12.95 -1.37 -0.37
N GLY B 12 -13.46 -1.93 0.73
CA GLY B 12 -12.81 -3.09 1.33
C GLY B 12 -11.78 -2.64 2.35
N PRO B 13 -11.18 -3.57 3.13
CA PRO B 13 -10.19 -3.21 4.14
C PRO B 13 -8.75 -2.94 3.64
N CYS B 14 -8.44 -3.35 2.41
CA CYS B 14 -7.10 -3.12 1.89
C CYS B 14 -6.89 -1.65 1.53
N ARG B 15 -5.64 -1.24 1.54
CA ARG B 15 -5.35 0.17 1.31
C ARG B 15 -4.78 0.69 0.01
N ALA B 16 -5.15 0.07 -1.09
CA ALA B 16 -4.70 0.54 -2.41
C ALA B 16 -5.82 1.47 -2.91
N MET B 17 -5.60 2.15 -4.03
CA MET B 17 -6.66 2.99 -4.61
C MET B 17 -6.70 2.68 -6.10
N ILE B 18 -7.34 1.55 -6.37
CA ILE B 18 -7.50 1.02 -7.70
C ILE B 18 -8.84 1.45 -8.28
N SER B 19 -8.79 2.10 -9.44
CA SER B 19 -9.99 2.55 -10.12
C SER B 19 -10.82 1.37 -10.66
N ARG B 20 -12.05 1.24 -10.16
CA ARG B 20 -12.98 0.19 -10.56
C ARG B 20 -14.34 0.80 -10.89
N TRP B 21 -15.26 -0.03 -11.35
CA TRP B 21 -16.59 0.42 -11.72
C TRP B 21 -17.68 -0.34 -10.99
N TYR B 22 -18.79 0.32 -10.72
CA TYR B 22 -19.93 -0.31 -10.06
C TYR B 22 -21.14 0.29 -10.73
N PHE B 23 -22.25 -0.41 -10.68
CA PHE B 23 -23.47 0.08 -11.29
C PHE B 23 -24.25 0.88 -10.26
N ASP B 24 -24.52 2.14 -10.60
CA ASP B 24 -25.26 3.03 -9.71
C ASP B 24 -26.72 3.00 -10.14
N VAL B 25 -27.58 2.42 -9.29
CA VAL B 25 -29.00 2.28 -9.59
C VAL B 25 -29.75 3.60 -9.72
N THR B 26 -29.32 4.60 -8.95
CA THR B 26 -29.93 5.92 -8.96
C THR B 26 -29.73 6.60 -10.31
N GLU B 27 -28.48 6.64 -10.77
CA GLU B 27 -28.15 7.25 -12.04
C GLU B 27 -28.44 6.29 -13.20
N GLY B 28 -28.61 5.01 -12.89
CA GLY B 28 -28.90 4.00 -13.90
C GLY B 28 -27.77 3.69 -14.86
N LYS B 29 -26.54 3.87 -14.38
CA LYS B 29 -25.39 3.60 -15.23
C LYS B 29 -24.21 3.29 -14.33
N CYS B 30 -23.12 2.86 -14.95
CA CYS B 30 -21.91 2.53 -14.21
C CYS B 30 -21.11 3.77 -13.91
N ALA B 31 -20.56 3.82 -12.71
CA ALA B 31 -19.75 4.94 -12.26
C ALA B 31 -18.49 4.37 -11.66
N PRO B 32 -17.40 5.15 -11.67
CA PRO B 32 -16.14 4.66 -11.10
C PRO B 32 -16.02 4.89 -9.61
N PHE B 33 -15.17 4.10 -8.97
CA PHE B 33 -14.90 4.22 -7.55
C PHE B 33 -13.49 3.66 -7.29
N PHE B 34 -12.92 3.98 -6.12
CA PHE B 34 -11.60 3.50 -5.76
C PHE B 34 -11.73 2.31 -4.85
N TYR B 35 -11.21 1.19 -5.31
CA TYR B 35 -11.25 -0.07 -4.59
C TYR B 35 -9.93 -0.29 -3.85
N GLY B 36 -10.04 -0.75 -2.62
CA GLY B 36 -8.86 -0.99 -1.80
C GLY B 36 -7.98 -2.14 -2.23
N GLY B 37 -8.50 -3.06 -3.04
CA GLY B 37 -7.67 -4.16 -3.49
C GLY B 37 -8.04 -5.54 -2.99
N CYS B 38 -8.90 -5.63 -1.99
CA CYS B 38 -9.30 -6.94 -1.48
C CYS B 38 -10.70 -6.81 -0.89
N GLY B 39 -11.41 -7.94 -0.81
CA GLY B 39 -12.74 -7.91 -0.25
C GLY B 39 -13.75 -7.15 -1.09
N GLY B 40 -14.69 -6.48 -0.42
CA GLY B 40 -15.72 -5.75 -1.12
C GLY B 40 -16.83 -6.69 -1.56
N ASN B 41 -17.53 -6.34 -2.63
CA ASN B 41 -18.62 -7.16 -3.13
C ASN B 41 -18.54 -7.37 -4.66
N ARG B 42 -19.60 -7.94 -5.25
CA ARG B 42 -19.62 -8.24 -6.68
C ARG B 42 -19.90 -7.09 -7.67
N ASN B 43 -20.39 -5.97 -7.15
CA ASN B 43 -20.66 -4.79 -7.98
C ASN B 43 -19.31 -4.08 -8.04
N ASN B 44 -18.37 -4.71 -8.75
CA ASN B 44 -16.99 -4.25 -8.85
C ASN B 44 -16.43 -4.80 -10.16
N PHE B 45 -16.29 -3.92 -11.15
CA PHE B 45 -15.83 -4.31 -12.49
C PHE B 45 -14.59 -3.56 -12.93
N ASP B 46 -13.82 -4.22 -13.79
CA ASP B 46 -12.57 -3.67 -14.32
C ASP B 46 -12.74 -2.45 -15.18
N THR B 47 -13.75 -2.49 -16.06
CA THR B 47 -13.99 -1.40 -16.99
C THR B 47 -15.47 -1.00 -16.96
N GLU B 48 -15.77 0.17 -17.50
CA GLU B 48 -17.14 0.63 -17.56
C GLU B 48 -17.93 -0.28 -18.51
N GLU B 49 -17.27 -0.73 -19.55
CA GLU B 49 -17.90 -1.58 -20.56
C GLU B 49 -18.33 -2.93 -19.99
N TYR B 50 -17.49 -3.52 -19.16
CA TYR B 50 -17.79 -4.80 -18.56
C TYR B 50 -18.98 -4.63 -17.60
N CYS B 51 -18.94 -3.55 -16.83
CA CYS B 51 -19.99 -3.25 -15.88
C CYS B 51 -21.32 -3.16 -16.62
N MET B 52 -21.32 -2.41 -17.74
CA MET B 52 -22.54 -2.24 -18.54
C MET B 52 -23.03 -3.55 -19.17
N ALA B 53 -22.09 -4.41 -19.60
CA ALA B 53 -22.44 -5.70 -20.20
C ALA B 53 -23.17 -6.58 -19.20
N VAL B 54 -22.84 -6.42 -17.94
CA VAL B 54 -23.43 -7.21 -16.86
C VAL B 54 -24.61 -6.52 -16.16
N CYS B 55 -24.50 -5.22 -15.95
CA CYS B 55 -25.53 -4.50 -15.22
C CYS B 55 -26.37 -3.49 -15.99
N GLY B 56 -25.89 -3.04 -17.13
CA GLY B 56 -26.61 -2.05 -17.91
C GLY B 56 -27.98 -2.48 -18.42
CA CA C . 6.43 15.22 -9.26
#